data_7YWC
#
_entry.id   7YWC
#
_cell.length_a   44.348
_cell.length_b   94.819
_cell.length_c   72.675
_cell.angle_alpha   90.000
_cell.angle_beta   94.070
_cell.angle_gamma   90.000
#
_symmetry.space_group_name_H-M   'P 1 21 1'
#
loop_
_entity.id
_entity.type
_entity.pdbx_description
1 polymer 'Chorismate dehydratase'
2 non-polymer '(3R,4R)-3-[(1-carboxyethenyl)oxy]-4-hydroxycyclohexa-1,5-diene-1-carboxylic acid'
3 non-polymer GLYCEROL
4 water water
#
_entity_poly.entity_id   1
_entity_poly.type   'polypeptide(L)'
_entity_poly.pdbx_seq_one_letter_code
;MVDNSRTRPRVGHIQFLDCLPLYWGLARTGTLLDFELTKDTPEKLSEQLVRGDLDIGPVTLVEFLKNADDLVAFPDIAVG
CDGPVMSCVIVSQVPLDRLDGARVALGSTSRTSVRLAQLLLSERFGVQPDYYTCPPDLSLMMQEADAAVLIGDAALRANM
IDGPRYGLDVHDLGALWKEWTGLPFVFAVWAARRDYAEREPVITRKVHEAFLASRNLSLEEVEKVAEQAARWEAFDEDTL
AKYFTTLDFRFGAPQLEAVTEFARRVGPTTGFPADVKVELLKPLEHHHHHH
;
_entity_poly.pdbx_strand_id   A,B
#
loop_
_chem_comp.id
_chem_comp.type
_chem_comp.name
_chem_comp.formula
GOL non-polymer GLYCEROL 'C3 H8 O3'
ISJ non-polymer '(3R,4R)-3-[(1-carboxyethenyl)oxy]-4-hydroxycyclohexa-1,5-diene-1-carboxylic acid' 'C10 H10 O6'
#
# COMPACT_ATOMS: atom_id res chain seq x y z
N ASP A 3 -5.19 16.66 -17.32
CA ASP A 3 -5.08 15.19 -17.31
C ASP A 3 -6.45 14.51 -17.22
N ASN A 4 -6.95 14.04 -18.36
CA ASN A 4 -8.28 13.43 -18.46
C ASN A 4 -8.26 11.93 -18.75
N SER A 5 -7.07 11.33 -18.64
CA SER A 5 -6.94 9.87 -18.73
C SER A 5 -7.79 9.17 -17.65
N ARG A 6 -8.10 7.90 -17.88
CA ARG A 6 -8.81 7.10 -16.88
C ARG A 6 -7.94 6.94 -15.64
N THR A 7 -8.56 6.91 -14.47
CA THR A 7 -7.78 6.78 -13.25
C THR A 7 -8.07 5.41 -12.60
N ARG A 8 -7.09 4.89 -11.87
CA ARG A 8 -7.26 3.60 -11.22
C ARG A 8 -8.40 3.63 -10.20
N PRO A 9 -9.23 2.58 -10.16
CA PRO A 9 -10.22 2.53 -9.09
C PRO A 9 -9.57 2.63 -7.70
N ARG A 10 -10.20 3.38 -6.81
CA ARG A 10 -9.76 3.45 -5.42
C ARG A 10 -10.36 2.27 -4.65
N VAL A 11 -9.49 1.36 -4.20
CA VAL A 11 -9.93 0.08 -3.64
C VAL A 11 -9.48 -0.09 -2.18
N GLY A 12 -10.41 -0.48 -1.31
CA GLY A 12 -10.09 -0.73 0.08
C GLY A 12 -9.56 -2.15 0.29
N HIS A 13 -8.76 -2.33 1.34
CA HIS A 13 -8.34 -3.66 1.71
C HIS A 13 -8.14 -3.77 3.23
N ILE A 14 -8.83 -4.73 3.83
CA ILE A 14 -8.75 -4.95 5.28
C ILE A 14 -7.34 -5.38 5.68
N GLN A 15 -6.81 -4.72 6.71
CA GLN A 15 -5.41 -4.93 7.09
C GLN A 15 -5.20 -6.23 7.88
N PHE A 16 -6.28 -6.86 8.34
CA PHE A 16 -6.22 -8.08 9.14
C PHE A 16 -5.59 -9.26 8.42
N LEU A 17 -5.16 -10.25 9.20
CA LEU A 17 -4.70 -11.53 8.65
C LEU A 17 -5.76 -12.25 7.79
N ASP A 18 -7.05 -12.02 8.08
CA ASP A 18 -8.06 -12.75 7.31
C ASP A 18 -8.08 -12.38 5.82
N CYS A 19 -7.47 -11.23 5.47
CA CYS A 19 -7.41 -10.81 4.08
C CYS A 19 -5.98 -10.74 3.56
N LEU A 20 -5.03 -11.19 4.37
CA LEU A 20 -3.63 -11.23 3.93
C LEU A 20 -3.44 -12.20 2.75
N PRO A 21 -4.03 -13.41 2.82
CA PRO A 21 -3.85 -14.23 1.62
C PRO A 21 -4.43 -13.56 0.36
N LEU A 22 -5.52 -12.83 0.51
CA LEU A 22 -6.09 -12.14 -0.64
C LEU A 22 -5.06 -11.12 -1.16
N TYR A 23 -4.46 -10.39 -0.23
CA TYR A 23 -3.43 -9.39 -0.57
C TYR A 23 -2.29 -10.08 -1.32
N TRP A 24 -1.89 -11.25 -0.85
CA TRP A 24 -0.89 -12.06 -1.55
C TRP A 24 -1.31 -12.30 -2.97
N GLY A 25 -2.56 -12.75 -3.15
CA GLY A 25 -3.14 -12.95 -4.45
C GLY A 25 -3.09 -11.72 -5.34
N LEU A 26 -3.41 -10.57 -4.77
CA LEU A 26 -3.47 -9.34 -5.54
C LEU A 26 -2.08 -8.93 -6.01
N ALA A 27 -1.07 -9.21 -5.18
CA ALA A 27 0.31 -8.86 -5.49
C ALA A 27 0.87 -9.79 -6.55
N ARG A 28 0.72 -11.08 -6.33
CA ARG A 28 1.29 -12.09 -7.23
C ARG A 28 0.76 -11.99 -8.66
N THR A 29 -0.53 -11.70 -8.80
CA THR A 29 -1.16 -11.58 -10.13
C THR A 29 -0.81 -10.26 -10.82
N GLY A 30 -0.30 -9.31 -10.05
CA GLY A 30 -0.07 -7.96 -10.55
C GLY A 30 -1.29 -7.06 -10.43
N THR A 31 -2.35 -7.53 -9.81
CA THR A 31 -3.62 -6.79 -9.78
C THR A 31 -3.54 -5.47 -9.00
N LEU A 32 -2.75 -5.46 -7.92
CA LEU A 32 -2.51 -4.28 -7.11
C LEU A 32 -2.15 -3.03 -7.92
N LEU A 33 -1.53 -3.23 -9.08
CA LEU A 33 -1.09 -2.08 -9.89
C LEU A 33 -2.23 -1.54 -10.75
N ASP A 34 -3.39 -2.21 -10.72
CA ASP A 34 -4.58 -1.67 -11.38
C ASP A 34 -5.38 -0.89 -10.34
N PHE A 35 -4.87 -0.88 -9.12
CA PHE A 35 -5.54 -0.30 -7.96
C PHE A 35 -4.81 0.91 -7.37
N GLU A 36 -5.58 1.87 -6.87
CA GLU A 36 -5.05 2.75 -5.85
C GLU A 36 -5.55 2.21 -4.51
N LEU A 37 -4.67 1.58 -3.76
CA LEU A 37 -5.07 0.78 -2.61
C LEU A 37 -5.02 1.53 -1.29
N THR A 38 -6.04 1.32 -0.46
CA THR A 38 -6.06 1.84 0.89
C THR A 38 -6.20 0.67 1.84
N LYS A 39 -5.32 0.58 2.83
CA LYS A 39 -5.37 -0.47 3.83
C LYS A 39 -5.85 0.10 5.16
N ASP A 40 -6.85 -0.54 5.74
CA ASP A 40 -7.34 -0.11 7.02
C ASP A 40 -8.21 -1.18 7.67
N THR A 41 -8.77 -0.86 8.83
CA THR A 41 -9.65 -1.75 9.55
C THR A 41 -11.05 -1.66 8.93
N PRO A 42 -11.90 -2.68 9.10
CA PRO A 42 -13.14 -2.78 8.33
C PRO A 42 -14.13 -1.63 8.54
N GLU A 43 -14.24 -1.11 9.76
CA GLU A 43 -15.25 -0.10 10.02
C GLU A 43 -14.86 1.15 9.24
N LYS A 44 -13.56 1.44 9.18
CA LYS A 44 -13.07 2.63 8.48
C LYS A 44 -13.18 2.50 6.96
N LEU A 45 -12.89 1.31 6.42
CA LEU A 45 -13.02 1.10 4.98
C LEU A 45 -14.47 1.21 4.55
N SER A 46 -15.37 0.70 5.40
CA SER A 46 -16.78 0.76 5.10
C SER A 46 -17.23 2.22 5.01
N GLU A 47 -16.81 3.02 5.97
CA GLU A 47 -17.16 4.44 5.97
C GLU A 47 -16.64 5.15 4.74
N GLN A 48 -15.40 4.87 4.39
CA GLN A 48 -14.77 5.51 3.24
C GLN A 48 -15.48 5.17 1.93
N LEU A 49 -15.88 3.91 1.79
CA LEU A 49 -16.63 3.52 0.61
C LEU A 49 -17.95 4.28 0.57
N VAL A 50 -18.67 4.23 1.68
CA VAL A 50 -19.99 4.81 1.75
C VAL A 50 -19.98 6.32 1.48
N ARG A 51 -18.91 7.00 1.87
CA ARG A 51 -18.89 8.45 1.72
C ARG A 51 -18.19 8.90 0.44
N GLY A 52 -17.63 7.97 -0.32
CA GLY A 52 -17.10 8.33 -1.62
C GLY A 52 -15.60 8.53 -1.71
N ASP A 53 -14.87 8.09 -0.69
CA ASP A 53 -13.42 8.15 -0.71
C ASP A 53 -12.79 6.89 -1.32
N LEU A 54 -13.61 5.86 -1.51
CA LEU A 54 -13.22 4.66 -2.25
C LEU A 54 -14.28 4.36 -3.30
N ASP A 55 -13.90 3.67 -4.36
CA ASP A 55 -14.87 3.26 -5.37
C ASP A 55 -15.39 1.84 -5.14
N ILE A 56 -14.50 1.00 -4.65
CA ILE A 56 -14.76 -0.42 -4.46
C ILE A 56 -14.04 -0.86 -3.18
N GLY A 57 -14.64 -1.76 -2.41
CA GLY A 57 -13.92 -2.34 -1.30
C GLY A 57 -14.74 -3.23 -0.42
N PRO A 58 -14.11 -3.80 0.62
CA PRO A 58 -14.83 -4.63 1.59
C PRO A 58 -15.71 -3.76 2.44
N VAL A 59 -16.93 -4.24 2.71
CA VAL A 59 -17.88 -3.58 3.60
C VAL A 59 -18.35 -4.60 4.60
N THR A 60 -18.23 -4.28 5.89
CA THR A 60 -18.72 -5.17 6.91
C THR A 60 -20.22 -5.30 6.67
N LEU A 61 -20.75 -6.51 6.84
CA LEU A 61 -22.09 -6.85 6.36
C LEU A 61 -23.15 -5.85 6.81
N VAL A 62 -23.15 -5.55 8.10
CA VAL A 62 -24.17 -4.65 8.65
C VAL A 62 -24.11 -3.26 7.99
N GLU A 63 -22.93 -2.73 7.71
CA GLU A 63 -22.85 -1.44 7.04
C GLU A 63 -23.31 -1.55 5.60
N PHE A 64 -23.02 -2.68 4.94
CA PHE A 64 -23.52 -2.92 3.58
C PHE A 64 -25.05 -2.88 3.59
N LEU A 65 -25.67 -3.66 4.46
CA LEU A 65 -27.13 -3.76 4.52
C LEU A 65 -27.81 -2.43 4.80
N LYS A 66 -27.16 -1.56 5.57
CA LYS A 66 -27.71 -0.23 5.86
C LYS A 66 -27.62 0.70 4.64
N ASN A 67 -26.78 0.33 3.69
CA ASN A 67 -26.51 1.14 2.52
C ASN A 67 -26.77 0.40 1.21
N ALA A 68 -27.60 -0.64 1.26
CA ALA A 68 -27.72 -1.58 0.15
C ALA A 68 -28.27 -0.95 -1.14
N ASP A 69 -29.10 0.07 -1.02
CA ASP A 69 -29.58 0.81 -2.19
C ASP A 69 -28.46 1.44 -3.00
N ASP A 70 -27.35 1.76 -2.34
CA ASP A 70 -26.26 2.51 -2.95
C ASP A 70 -24.98 1.71 -3.22
N LEU A 71 -25.08 0.40 -3.08
CA LEU A 71 -23.93 -0.50 -3.24
C LEU A 71 -24.32 -1.72 -4.07
N VAL A 72 -23.37 -2.24 -4.84
CA VAL A 72 -23.60 -3.47 -5.58
CA VAL A 72 -23.56 -3.47 -5.61
C VAL A 72 -22.57 -4.51 -5.13
N ALA A 73 -23.05 -5.62 -4.58
CA ALA A 73 -22.16 -6.62 -3.99
C ALA A 73 -21.52 -7.49 -5.05
N PHE A 74 -20.25 -7.86 -4.83
CA PHE A 74 -19.56 -8.81 -5.71
C PHE A 74 -20.00 -10.23 -5.42
N PRO A 75 -20.40 -10.97 -6.45
CA PRO A 75 -20.69 -12.38 -6.15
C PRO A 75 -19.42 -13.24 -5.98
N ASP A 76 -19.58 -14.31 -5.21
CA ASP A 76 -18.61 -15.40 -5.05
C ASP A 76 -17.31 -15.03 -4.34
N ILE A 77 -17.29 -13.90 -3.64
CA ILE A 77 -16.23 -13.64 -2.68
C ILE A 77 -16.81 -12.89 -1.48
N ALA A 78 -16.33 -13.25 -0.29
CA ALA A 78 -16.78 -12.65 0.97
C ALA A 78 -15.80 -13.06 2.07
N VAL A 79 -15.88 -12.45 3.24
CA VAL A 79 -15.16 -12.98 4.38
C VAL A 79 -16.15 -13.72 5.25
N GLY A 80 -16.02 -15.04 5.37
CA GLY A 80 -16.96 -15.80 6.17
C GLY A 80 -16.47 -17.10 6.75
N CYS A 81 -17.43 -17.92 7.18
CA CYS A 81 -17.17 -19.17 7.86
C CYS A 81 -18.36 -20.10 7.67
N ASP A 82 -18.11 -21.40 7.82
CA ASP A 82 -19.17 -22.40 7.96
C ASP A 82 -18.84 -23.22 9.20
N GLY A 83 -19.29 -22.75 10.35
CA GLY A 83 -18.74 -23.23 11.62
C GLY A 83 -17.81 -22.19 12.23
N PRO A 84 -16.66 -22.62 12.76
CA PRO A 84 -15.72 -21.67 13.35
C PRO A 84 -15.10 -20.68 12.37
N VAL A 85 -15.03 -19.42 12.79
CA VAL A 85 -14.33 -18.36 12.03
C VAL A 85 -12.94 -18.06 12.63
N MET A 86 -12.75 -18.50 13.88
CA MET A 86 -11.48 -18.37 14.62
C MET A 86 -11.08 -16.95 15.06
N SER A 87 -11.51 -15.94 14.31
CA SER A 87 -11.03 -14.58 14.56
C SER A 87 -12.20 -13.60 14.76
N CYS A 88 -13.36 -14.10 15.17
CA CYS A 88 -14.44 -13.26 15.70
C CYS A 88 -14.99 -13.99 16.94
N VAL A 89 -14.76 -13.42 18.13
CA VAL A 89 -14.95 -14.18 19.35
C VAL A 89 -15.60 -13.42 20.49
N ILE A 90 -16.16 -14.15 21.44
CA ILE A 90 -16.49 -13.59 22.74
C ILE A 90 -15.51 -14.18 23.74
N VAL A 91 -14.68 -13.33 24.34
CA VAL A 91 -13.80 -13.77 25.41
C VAL A 91 -14.46 -13.49 26.74
N SER A 92 -14.52 -14.47 27.62
CA SER A 92 -15.33 -14.30 28.83
C SER A 92 -14.69 -14.95 30.04
N GLN A 93 -14.87 -14.31 31.19
CA GLN A 93 -14.31 -14.76 32.46
C GLN A 93 -15.35 -15.56 33.20
N VAL A 94 -16.56 -15.56 32.64
CA VAL A 94 -17.69 -16.28 33.24
C VAL A 94 -18.48 -16.97 32.12
N PRO A 95 -19.26 -18.01 32.47
CA PRO A 95 -20.16 -18.60 31.48
C PRO A 95 -21.06 -17.53 30.88
N LEU A 96 -21.45 -17.71 29.62
CA LEU A 96 -22.24 -16.70 28.92
C LEU A 96 -23.59 -16.42 29.59
N ASP A 97 -24.18 -17.41 30.23
CA ASP A 97 -25.51 -17.21 30.82
C ASP A 97 -25.41 -16.57 32.22
N ARG A 98 -24.21 -16.15 32.60
CA ARG A 98 -24.01 -15.36 33.81
C ARG A 98 -23.72 -13.89 33.47
N LEU A 99 -24.03 -13.49 32.24
CA LEU A 99 -23.71 -12.15 31.76
C LEU A 99 -24.90 -11.15 31.84
N ASP A 100 -26.05 -11.59 32.34
CA ASP A 100 -27.18 -10.67 32.49
C ASP A 100 -26.83 -9.57 33.48
N GLY A 101 -26.75 -8.34 32.99
CA GLY A 101 -26.41 -7.21 33.84
C GLY A 101 -24.92 -7.10 34.12
N ALA A 102 -24.11 -7.89 33.43
CA ALA A 102 -22.65 -7.77 33.52
C ALA A 102 -22.15 -6.84 32.44
N ARG A 103 -20.88 -6.43 32.55
CA ARG A 103 -20.28 -5.55 31.57
C ARG A 103 -19.65 -6.35 30.44
N VAL A 104 -19.90 -5.93 29.21
CA VAL A 104 -19.27 -6.59 28.06
C VAL A 104 -18.70 -5.54 27.11
N ALA A 105 -17.41 -5.65 26.79
CA ALA A 105 -16.73 -4.69 25.93
C ALA A 105 -16.75 -5.05 24.45
N LEU A 106 -17.21 -4.11 23.63
CA LEU A 106 -17.26 -4.27 22.19
C LEU A 106 -16.14 -3.52 21.46
N GLY A 107 -15.19 -4.26 20.89
CA GLY A 107 -14.09 -3.67 20.13
C GLY A 107 -14.58 -2.84 18.94
N SER A 108 -14.16 -1.58 18.90
CA SER A 108 -14.72 -0.58 18.00
C SER A 108 -14.46 -0.82 16.50
N THR A 109 -13.62 -1.78 16.15
CA THR A 109 -13.32 -2.01 14.73
C THR A 109 -14.39 -2.87 14.03
N SER A 110 -15.27 -3.48 14.82
CA SER A 110 -16.33 -4.36 14.32
C SER A 110 -17.68 -3.65 14.21
N ARG A 111 -18.47 -3.99 13.18
CA ARG A 111 -19.88 -3.58 13.16
C ARG A 111 -20.80 -4.80 13.14
N THR A 112 -20.34 -5.87 12.50
CA THR A 112 -21.16 -7.04 12.28
C THR A 112 -21.00 -8.07 13.41
N SER A 113 -19.76 -8.34 13.81
CA SER A 113 -19.51 -9.30 14.87
C SER A 113 -20.12 -8.86 16.18
N VAL A 114 -20.00 -7.57 16.49
CA VAL A 114 -20.60 -7.07 17.71
CA VAL A 114 -20.61 -7.02 17.68
C VAL A 114 -22.12 -7.28 17.67
N ARG A 115 -22.73 -7.01 16.53
CA ARG A 115 -24.18 -7.19 16.42
C ARG A 115 -24.56 -8.68 16.50
N LEU A 116 -23.71 -9.54 15.95
CA LEU A 116 -23.99 -10.96 16.04
C LEU A 116 -23.89 -11.43 17.49
N ALA A 117 -22.86 -10.96 18.18
CA ALA A 117 -22.67 -11.29 19.57
C ALA A 117 -23.89 -10.83 20.38
N GLN A 118 -24.39 -9.65 20.05
CA GLN A 118 -25.53 -9.11 20.76
C GLN A 118 -26.79 -9.95 20.50
N LEU A 119 -26.96 -10.34 19.25
CA LEU A 119 -28.07 -11.21 18.87
C LEU A 119 -28.00 -12.54 19.61
N LEU A 120 -26.82 -13.13 19.65
CA LEU A 120 -26.63 -14.42 20.28
C LEU A 120 -26.92 -14.37 21.78
N LEU A 121 -26.29 -13.43 22.46
CA LEU A 121 -26.46 -13.31 23.91
C LEU A 121 -27.91 -13.06 24.30
N SER A 122 -28.59 -12.25 23.51
CA SER A 122 -29.96 -11.85 23.80
C SER A 122 -30.98 -12.93 23.42
N GLU A 123 -30.93 -13.38 22.17
CA GLU A 123 -31.96 -14.28 21.64
C GLU A 123 -31.61 -15.76 21.72
N ARG A 124 -30.36 -16.10 22.01
CA ARG A 124 -30.07 -17.50 22.23
C ARG A 124 -29.91 -17.77 23.72
N PHE A 125 -29.08 -16.98 24.41
CA PHE A 125 -28.73 -17.29 25.78
C PHE A 125 -29.59 -16.54 26.78
N GLY A 126 -30.30 -15.52 26.31
CA GLY A 126 -31.27 -14.82 27.14
C GLY A 126 -30.68 -13.88 28.17
N VAL A 127 -29.52 -13.30 27.88
CA VAL A 127 -28.92 -12.34 28.80
C VAL A 127 -28.81 -10.96 28.18
N GLN A 128 -28.90 -9.95 29.03
CA GLN A 128 -28.81 -8.57 28.58
C GLN A 128 -27.75 -7.84 29.38
N PRO A 129 -26.53 -7.75 28.81
CA PRO A 129 -25.39 -7.09 29.45
C PRO A 129 -25.41 -5.57 29.35
N ASP A 130 -24.61 -4.90 30.17
CA ASP A 130 -24.25 -3.51 29.94
C ASP A 130 -23.15 -3.47 28.88
N TYR A 131 -23.54 -3.24 27.63
CA TYR A 131 -22.53 -3.15 26.57
C TYR A 131 -21.85 -1.79 26.60
N TYR A 132 -20.59 -1.77 26.16
CA TYR A 132 -19.92 -0.52 25.81
C TYR A 132 -18.92 -0.75 24.69
N THR A 133 -18.61 0.31 23.95
CA THR A 133 -17.67 0.26 22.83
C THR A 133 -16.34 0.89 23.24
N CYS A 134 -15.24 0.24 22.86
CA CYS A 134 -13.90 0.71 23.21
C CYS A 134 -12.89 0.18 22.19
N PRO A 135 -11.68 0.76 22.14
CA PRO A 135 -10.67 0.20 21.25
C PRO A 135 -10.34 -1.26 21.57
N PRO A 136 -10.08 -2.09 20.55
CA PRO A 136 -9.80 -3.48 20.91
C PRO A 136 -8.47 -3.62 21.61
N ASP A 137 -8.52 -4.09 22.86
CA ASP A 137 -7.32 -4.37 23.66
C ASP A 137 -7.76 -5.30 24.78
N LEU A 138 -7.48 -6.58 24.61
CA LEU A 138 -8.00 -7.60 25.52
C LEU A 138 -7.62 -7.28 26.96
N SER A 139 -6.39 -6.84 27.18
CA SER A 139 -5.90 -6.62 28.53
C SER A 139 -6.70 -5.55 29.29
N LEU A 140 -6.91 -4.39 28.65
CA LEU A 140 -7.72 -3.33 29.25
C LEU A 140 -9.18 -3.76 29.37
N MET A 141 -9.67 -4.49 28.35
CA MET A 141 -11.06 -4.94 28.34
C MET A 141 -11.31 -5.86 29.53
N MET A 142 -10.45 -6.85 29.70
CA MET A 142 -10.62 -7.82 30.78
C MET A 142 -10.47 -7.20 32.17
N GLN A 143 -9.80 -6.05 32.25
CA GLN A 143 -9.69 -5.34 33.51
C GLN A 143 -11.04 -4.70 33.88
N GLU A 144 -11.72 -4.10 32.90
CA GLU A 144 -12.98 -3.40 33.17
C GLU A 144 -14.25 -4.26 33.01
N ALA A 145 -14.22 -5.24 32.10
CA ALA A 145 -15.43 -5.98 31.77
C ALA A 145 -15.33 -7.47 32.08
N ASP A 146 -16.49 -8.12 32.14
CA ASP A 146 -16.57 -9.57 32.33
C ASP A 146 -16.34 -10.33 31.03
N ALA A 147 -16.56 -9.66 29.91
CA ALA A 147 -16.38 -10.29 28.61
C ALA A 147 -16.06 -9.26 27.54
N ALA A 148 -15.45 -9.70 26.45
CA ALA A 148 -15.13 -8.81 25.35
C ALA A 148 -15.41 -9.49 24.02
N VAL A 149 -15.85 -8.70 23.05
CA VAL A 149 -16.06 -9.17 21.69
C VAL A 149 -14.94 -8.63 20.81
N LEU A 150 -14.20 -9.53 20.17
CA LEU A 150 -13.03 -9.13 19.38
C LEU A 150 -13.13 -9.67 17.96
N ILE A 151 -12.49 -8.95 17.04
CA ILE A 151 -12.31 -9.45 15.68
C ILE A 151 -10.87 -9.26 15.25
N GLY A 152 -10.56 -9.77 14.08
CA GLY A 152 -9.25 -9.56 13.48
C GLY A 152 -8.13 -10.27 14.20
N ASP A 153 -6.95 -9.68 14.15
CA ASP A 153 -5.78 -10.27 14.76
C ASP A 153 -5.90 -10.33 16.27
N ALA A 154 -6.50 -9.31 16.88
CA ALA A 154 -6.73 -9.33 18.33
C ALA A 154 -7.57 -10.54 18.76
N ALA A 155 -8.58 -10.88 17.96
CA ALA A 155 -9.43 -12.04 18.29
C ALA A 155 -8.67 -13.36 18.13
N LEU A 156 -7.96 -13.49 17.02
CA LEU A 156 -7.20 -14.70 16.75
C LEU A 156 -6.17 -14.90 17.85
N ARG A 157 -5.58 -13.78 18.30
CA ARG A 157 -4.60 -13.84 19.36
C ARG A 157 -5.24 -14.34 20.65
N ALA A 158 -6.41 -13.78 20.98
CA ALA A 158 -7.13 -14.19 22.17
C ALA A 158 -7.46 -15.69 22.09
N ASN A 159 -7.93 -16.11 20.93
CA ASN A 159 -8.39 -17.46 20.69
C ASN A 159 -7.25 -18.47 20.87
N MET A 160 -6.15 -18.22 20.14
CA MET A 160 -5.01 -19.12 20.07
C MET A 160 -4.01 -18.98 21.20
N ILE A 161 -3.90 -17.80 21.80
CA ILE A 161 -2.77 -17.54 22.71
C ILE A 161 -3.12 -17.03 24.10
N ASP A 162 -3.76 -15.86 24.16
CA ASP A 162 -4.04 -15.19 25.44
C ASP A 162 -5.01 -16.01 26.24
N GLY A 163 -6.07 -16.46 25.58
CA GLY A 163 -7.14 -17.19 26.24
C GLY A 163 -6.63 -18.41 27.00
N PRO A 164 -6.05 -19.38 26.27
CA PRO A 164 -5.42 -20.55 26.90
C PRO A 164 -4.40 -20.16 27.97
N ARG A 165 -3.62 -19.11 27.71
CA ARG A 165 -2.57 -18.70 28.65
C ARG A 165 -3.13 -18.23 29.98
N TYR A 166 -4.28 -17.56 29.95
CA TYR A 166 -4.87 -16.97 31.15
C TYR A 166 -6.16 -17.66 31.61
N GLY A 167 -6.51 -18.78 31.00
CA GLY A 167 -7.72 -19.49 31.40
C GLY A 167 -9.01 -18.72 31.17
N LEU A 168 -9.11 -18.05 30.03
CA LEU A 168 -10.34 -17.37 29.64
C LEU A 168 -11.09 -18.18 28.59
N ASP A 169 -12.41 -18.27 28.72
CA ASP A 169 -13.22 -18.91 27.68
C ASP A 169 -13.20 -18.07 26.43
N VAL A 170 -13.01 -18.71 25.29
CA VAL A 170 -13.11 -18.00 24.03
C VAL A 170 -14.15 -18.73 23.21
N HIS A 171 -15.26 -18.04 22.98
CA HIS A 171 -16.37 -18.57 22.21
C HIS A 171 -16.29 -18.09 20.77
N ASP A 172 -16.33 -19.01 19.82
CA ASP A 172 -16.24 -18.68 18.40
C ASP A 172 -17.62 -18.28 17.88
N LEU A 173 -17.76 -17.03 17.43
CA LEU A 173 -19.03 -16.51 16.97
C LEU A 173 -19.59 -17.31 15.78
N GLY A 174 -18.71 -17.74 14.88
CA GLY A 174 -19.11 -18.52 13.74
C GLY A 174 -19.75 -19.83 14.23
N ALA A 175 -19.10 -20.45 15.20
CA ALA A 175 -19.58 -21.69 15.83
C ALA A 175 -20.88 -21.49 16.59
N LEU A 176 -20.99 -20.38 17.33
CA LEU A 176 -22.21 -20.15 18.10
C LEU A 176 -23.41 -20.01 17.15
N TRP A 177 -23.21 -19.32 16.03
CA TRP A 177 -24.28 -19.08 15.05
C TRP A 177 -24.65 -20.38 14.35
N LYS A 178 -23.62 -21.17 14.05
CA LYS A 178 -23.76 -22.48 13.45
C LYS A 178 -24.56 -23.44 14.34
N GLU A 179 -24.23 -23.48 15.63
CA GLU A 179 -24.99 -24.27 16.60
C GLU A 179 -26.45 -23.85 16.67
N TRP A 180 -26.69 -22.54 16.64
CA TRP A 180 -28.02 -21.97 16.77
C TRP A 180 -28.93 -22.13 15.56
N THR A 181 -28.33 -22.10 14.37
CA THR A 181 -29.07 -22.01 13.11
C THR A 181 -28.67 -23.06 12.08
N GLY A 182 -27.58 -23.76 12.31
CA GLY A 182 -27.05 -24.65 11.28
C GLY A 182 -26.49 -23.93 10.06
N LEU A 183 -26.47 -22.60 10.08
CA LEU A 183 -26.07 -21.84 8.89
C LEU A 183 -24.61 -21.38 8.94
N PRO A 184 -24.00 -21.13 7.76
CA PRO A 184 -22.72 -20.44 7.68
C PRO A 184 -22.90 -18.99 8.04
N PHE A 185 -21.84 -18.20 8.14
CA PHE A 185 -22.03 -16.77 8.36
C PHE A 185 -21.13 -15.98 7.44
N VAL A 186 -21.57 -14.77 7.10
CA VAL A 186 -20.80 -13.82 6.30
C VAL A 186 -20.54 -12.56 7.10
N PHE A 187 -19.28 -12.20 7.34
CA PHE A 187 -19.01 -10.96 8.10
C PHE A 187 -18.79 -9.69 7.25
N ALA A 188 -18.28 -9.85 6.04
CA ALA A 188 -18.01 -8.73 5.14
C ALA A 188 -18.18 -9.16 3.70
N VAL A 189 -18.66 -8.26 2.86
CA VAL A 189 -18.76 -8.55 1.43
C VAL A 189 -17.88 -7.55 0.70
N TRP A 190 -17.63 -7.77 -0.58
CA TRP A 190 -17.02 -6.73 -1.43
C TRP A 190 -18.12 -6.05 -2.22
N ALA A 191 -17.95 -4.76 -2.46
CA ALA A 191 -18.98 -3.99 -3.15
C ALA A 191 -18.37 -2.81 -3.89
N ALA A 192 -19.03 -2.43 -4.98
CA ALA A 192 -18.76 -1.18 -5.67
C ALA A 192 -19.82 -0.16 -5.22
N ARG A 193 -19.46 1.11 -5.13
CA ARG A 193 -20.48 2.14 -5.05
C ARG A 193 -21.36 2.02 -6.29
N ARG A 194 -22.66 2.19 -6.13
CA ARG A 194 -23.57 2.10 -7.26
C ARG A 194 -23.20 3.11 -8.36
N ASP A 195 -22.85 4.33 -7.97
CA ASP A 195 -22.53 5.35 -8.97
C ASP A 195 -21.27 4.99 -9.76
N TYR A 196 -20.29 4.37 -9.10
CA TYR A 196 -19.08 3.95 -9.78
C TYR A 196 -19.38 2.79 -10.71
N ALA A 197 -20.16 1.83 -10.22
CA ALA A 197 -20.56 0.68 -11.00
C ALA A 197 -21.25 1.10 -12.30
N GLU A 198 -22.10 2.11 -12.24
CA GLU A 198 -22.86 2.54 -13.43
C GLU A 198 -22.04 3.44 -14.33
N ARG A 199 -21.15 4.22 -13.73
CA ARG A 199 -20.29 5.07 -14.53
C ARG A 199 -19.23 4.24 -15.24
N GLU A 200 -18.66 3.28 -14.53
CA GLU A 200 -17.58 2.46 -15.08
C GLU A 200 -17.87 0.94 -14.99
N PRO A 201 -18.83 0.46 -15.79
CA PRO A 201 -19.22 -0.96 -15.67
C PRO A 201 -18.08 -1.94 -15.96
N VAL A 202 -17.24 -1.72 -16.97
CA VAL A 202 -16.24 -2.75 -17.28
C VAL A 202 -15.06 -2.72 -16.32
N ILE A 203 -14.65 -1.54 -15.87
CA ILE A 203 -13.62 -1.49 -14.84
C ILE A 203 -14.08 -2.27 -13.62
N THR A 204 -15.35 -2.07 -13.25
CA THR A 204 -15.95 -2.76 -12.10
C THR A 204 -15.97 -4.29 -12.30
N ARG A 205 -16.38 -4.77 -13.47
CA ARG A 205 -16.35 -6.22 -13.68
C ARG A 205 -14.91 -6.75 -13.64
N LYS A 206 -13.96 -6.04 -14.26
CA LYS A 206 -12.58 -6.49 -14.25
C LYS A 206 -11.97 -6.52 -12.84
N VAL A 207 -12.31 -5.55 -12.02
CA VAL A 207 -11.86 -5.54 -10.62
C VAL A 207 -12.47 -6.74 -9.90
N HIS A 208 -13.74 -7.02 -10.19
CA HIS A 208 -14.40 -8.17 -9.56
C HIS A 208 -13.68 -9.46 -9.96
N GLU A 209 -13.42 -9.61 -11.25
CA GLU A 209 -12.81 -10.83 -11.77
C GLU A 209 -11.37 -11.02 -11.27
N ALA A 210 -10.66 -9.90 -11.13
CA ALA A 210 -9.31 -9.89 -10.60
C ALA A 210 -9.32 -10.26 -9.10
N PHE A 211 -10.36 -9.89 -8.38
CA PHE A 211 -10.47 -10.36 -7.00
C PHE A 211 -10.66 -11.88 -6.94
N LEU A 212 -11.59 -12.39 -7.75
CA LEU A 212 -11.86 -13.84 -7.77
C LEU A 212 -10.58 -14.59 -8.10
N ALA A 213 -9.88 -14.12 -9.14
CA ALA A 213 -8.63 -14.74 -9.55
C ALA A 213 -7.59 -14.70 -8.41
N SER A 214 -7.53 -13.57 -7.70
CA SER A 214 -6.50 -13.42 -6.67
C SER A 214 -6.83 -14.29 -5.46
N ARG A 215 -8.13 -14.38 -5.15
CA ARG A 215 -8.61 -15.26 -4.07
C ARG A 215 -8.25 -16.71 -4.41
N ASN A 216 -8.65 -17.12 -5.59
CA ASN A 216 -8.38 -18.48 -6.04
C ASN A 216 -6.90 -18.82 -5.89
N LEU A 217 -6.04 -17.98 -6.42
CA LEU A 217 -4.61 -18.19 -6.32
C LEU A 217 -4.17 -18.30 -4.87
N SER A 218 -4.68 -17.42 -4.01
CA SER A 218 -4.32 -17.46 -2.60
C SER A 218 -4.69 -18.77 -1.93
N LEU A 219 -5.76 -19.41 -2.38
CA LEU A 219 -6.14 -20.71 -1.82
C LEU A 219 -5.13 -21.75 -2.27
N GLU A 220 -4.75 -21.68 -3.54
CA GLU A 220 -3.77 -22.64 -4.07
C GLU A 220 -2.41 -22.46 -3.39
N GLU A 221 -2.06 -21.22 -3.04
CA GLU A 221 -0.74 -20.95 -2.47
C GLU A 221 -0.77 -20.71 -0.96
N VAL A 222 -1.80 -21.22 -0.30
CA VAL A 222 -2.05 -20.88 1.10
C VAL A 222 -0.84 -21.21 1.98
N GLU A 223 -0.16 -22.31 1.70
CA GLU A 223 1.00 -22.68 2.50
C GLU A 223 2.11 -21.66 2.38
N LYS A 224 2.31 -21.10 1.19
CA LYS A 224 3.34 -20.11 1.01
C LYS A 224 3.02 -18.85 1.82
N VAL A 225 1.76 -18.45 1.84
CA VAL A 225 1.32 -17.25 2.57
CA VAL A 225 1.41 -17.22 2.53
C VAL A 225 1.55 -17.41 4.05
N ALA A 226 1.22 -18.60 4.55
CA ALA A 226 1.33 -18.91 5.97
C ALA A 226 2.79 -18.94 6.36
N GLU A 227 3.58 -19.66 5.57
CA GLU A 227 5.00 -19.75 5.82
C GLU A 227 5.63 -18.37 5.88
N GLN A 228 5.28 -17.52 4.92
CA GLN A 228 5.84 -16.17 4.91
C GLN A 228 5.35 -15.34 6.10
N ALA A 229 4.05 -15.35 6.34
CA ALA A 229 3.46 -14.49 7.35
C ALA A 229 3.88 -14.92 8.77
N ALA A 230 4.10 -16.23 8.96
CA ALA A 230 4.56 -16.75 10.26
C ALA A 230 5.85 -16.11 10.75
N ARG A 231 6.67 -15.57 9.84
CA ARG A 231 7.94 -14.97 10.24
C ARG A 231 7.72 -13.63 10.94
N TRP A 232 6.53 -13.07 10.77
CA TRP A 232 6.23 -11.71 11.23
C TRP A 232 5.13 -11.65 12.31
N GLU A 233 4.47 -12.77 12.54
CA GLU A 233 3.34 -12.82 13.47
C GLU A 233 3.66 -13.68 14.70
N ALA A 234 2.83 -13.52 15.73
CA ALA A 234 2.94 -14.34 16.93
C ALA A 234 2.51 -15.78 16.66
N PHE A 235 1.79 -16.01 15.58
CA PHE A 235 1.32 -17.34 15.22
C PHE A 235 2.35 -18.11 14.39
N ASP A 236 2.37 -19.44 14.48
CA ASP A 236 3.29 -20.22 13.66
C ASP A 236 2.64 -20.59 12.35
N GLU A 237 3.40 -21.24 11.48
CA GLU A 237 2.93 -21.54 10.14
C GLU A 237 1.70 -22.44 10.14
N ASP A 238 1.70 -23.44 11.02
CA ASP A 238 0.59 -24.40 11.05
C ASP A 238 -0.68 -23.72 11.50
N THR A 239 -0.56 -22.82 12.46
CA THR A 239 -1.75 -22.13 12.94
C THR A 239 -2.32 -21.26 11.82
N LEU A 240 -1.45 -20.50 11.16
CA LEU A 240 -1.88 -19.63 10.07
C LEU A 240 -2.49 -20.40 8.90
N ALA A 241 -1.88 -21.52 8.50
CA ALA A 241 -2.45 -22.35 7.44
C ALA A 241 -3.83 -22.88 7.86
N LYS A 242 -3.95 -23.26 9.12
CA LYS A 242 -5.21 -23.76 9.65
C LYS A 242 -6.24 -22.66 9.59
N TYR A 243 -5.84 -21.48 10.04
CA TYR A 243 -6.70 -20.32 10.03
C TYR A 243 -7.18 -19.96 8.61
N PHE A 244 -6.24 -19.74 7.69
CA PHE A 244 -6.57 -19.39 6.31
C PHE A 244 -7.51 -20.40 5.62
N THR A 245 -7.43 -21.67 5.98
CA THR A 245 -8.27 -22.66 5.32
C THR A 245 -9.56 -22.90 6.07
N THR A 246 -9.70 -22.28 7.24
CA THR A 246 -10.94 -22.40 8.03
C THR A 246 -11.87 -21.29 7.60
N LEU A 247 -11.28 -20.16 7.27
CA LEU A 247 -12.05 -19.05 6.72
C LEU A 247 -12.70 -19.50 5.43
N ASP A 248 -13.90 -18.98 5.16
CA ASP A 248 -14.66 -19.39 3.98
C ASP A 248 -14.93 -18.13 3.16
N PHE A 249 -14.34 -18.07 1.98
CA PHE A 249 -14.41 -16.88 1.15
C PHE A 249 -15.46 -17.02 0.06
N ARG A 250 -16.35 -17.99 0.20
CA ARG A 250 -17.37 -18.15 -0.80
C ARG A 250 -18.50 -17.13 -0.60
N PHE A 251 -19.27 -16.90 -1.66
CA PHE A 251 -20.44 -16.04 -1.58
C PHE A 251 -21.44 -16.37 -2.68
N GLY A 252 -22.07 -17.54 -2.55
CA GLY A 252 -23.12 -17.97 -3.44
C GLY A 252 -24.42 -18.19 -2.69
N ALA A 253 -25.31 -19.03 -3.23
CA ALA A 253 -26.65 -19.18 -2.65
C ALA A 253 -26.66 -19.53 -1.15
N PRO A 254 -25.85 -20.53 -0.71
CA PRO A 254 -25.90 -20.84 0.72
C PRO A 254 -25.49 -19.68 1.62
N GLN A 255 -24.52 -18.89 1.17
CA GLN A 255 -24.02 -17.78 1.98
C GLN A 255 -25.02 -16.64 2.01
N LEU A 256 -25.70 -16.42 0.87
CA LEU A 256 -26.74 -15.40 0.81
C LEU A 256 -27.93 -15.72 1.72
N GLU A 257 -28.25 -17.00 1.82
CA GLU A 257 -29.30 -17.46 2.72
C GLU A 257 -29.00 -17.10 4.16
N ALA A 258 -27.74 -17.29 4.56
CA ALA A 258 -27.28 -16.91 5.88
C ALA A 258 -27.44 -15.41 6.07
N VAL A 259 -27.01 -14.65 5.07
CA VAL A 259 -27.17 -13.20 5.08
C VAL A 259 -28.64 -12.76 5.28
N THR A 260 -29.53 -13.36 4.49
CA THR A 260 -30.96 -13.05 4.53
C THR A 260 -31.52 -13.26 5.93
N GLU A 261 -31.16 -14.38 6.53
CA GLU A 261 -31.72 -14.73 7.82
C GLU A 261 -31.15 -13.85 8.92
N PHE A 262 -29.85 -13.58 8.86
CA PHE A 262 -29.23 -12.66 9.82
C PHE A 262 -29.92 -11.31 9.71
N ALA A 263 -30.10 -10.83 8.47
CA ALA A 263 -30.74 -9.55 8.22
C ALA A 263 -32.11 -9.51 8.83
N ARG A 264 -32.87 -10.59 8.62
CA ARG A 264 -34.22 -10.66 9.13
C ARG A 264 -34.26 -10.58 10.65
N ARG A 265 -33.25 -11.13 11.32
CA ARG A 265 -33.26 -11.15 12.78
C ARG A 265 -32.78 -9.86 13.42
N VAL A 266 -32.04 -9.03 12.69
CA VAL A 266 -31.40 -7.86 13.31
C VAL A 266 -31.75 -6.53 12.66
N GLY A 267 -32.20 -6.58 11.42
CA GLY A 267 -32.54 -5.38 10.67
C GLY A 267 -33.38 -4.33 11.40
N PRO A 268 -34.57 -4.72 11.91
CA PRO A 268 -35.47 -3.80 12.62
C PRO A 268 -34.77 -2.99 13.70
N THR A 269 -33.78 -3.60 14.36
CA THR A 269 -33.09 -2.92 15.43
C THR A 269 -31.69 -2.48 15.04
N THR A 270 -31.39 -2.52 13.74
CA THR A 270 -30.04 -2.17 13.29
C THR A 270 -30.11 -1.20 12.10
N GLY A 271 -31.27 -0.63 11.85
CA GLY A 271 -31.39 0.46 10.89
C GLY A 271 -31.35 0.05 9.43
N PHE A 272 -31.98 -1.08 9.11
CA PHE A 272 -32.24 -1.44 7.73
C PHE A 272 -33.42 -2.41 7.69
N PRO A 273 -34.18 -2.40 6.57
CA PRO A 273 -35.33 -3.30 6.44
C PRO A 273 -34.95 -4.76 6.63
N ALA A 274 -35.77 -5.52 7.34
CA ALA A 274 -35.52 -6.95 7.54
C ALA A 274 -35.52 -7.73 6.23
N ASP A 275 -36.12 -7.16 5.20
CA ASP A 275 -36.15 -7.81 3.91
C ASP A 275 -35.32 -7.03 2.90
N VAL A 276 -34.26 -6.38 3.38
CA VAL A 276 -33.36 -5.61 2.52
C VAL A 276 -32.89 -6.44 1.34
N LYS A 277 -32.84 -5.84 0.16
CA LYS A 277 -32.45 -6.58 -1.02
C LYS A 277 -30.96 -6.39 -1.26
N VAL A 278 -30.24 -7.49 -1.38
CA VAL A 278 -28.84 -7.47 -1.75
C VAL A 278 -28.73 -7.47 -3.28
N GLU A 279 -28.20 -6.40 -3.85
CA GLU A 279 -28.03 -6.31 -5.29
C GLU A 279 -26.64 -6.81 -5.65
N LEU A 280 -26.58 -7.84 -6.47
CA LEU A 280 -25.30 -8.42 -6.88
C LEU A 280 -24.88 -7.93 -8.26
N LEU A 281 -23.58 -7.84 -8.48
CA LEU A 281 -23.02 -7.48 -9.79
C LEU A 281 -23.38 -8.55 -10.81
N LYS A 282 -24.07 -8.15 -11.88
CA LYS A 282 -24.55 -9.12 -12.85
C LYS A 282 -23.46 -9.46 -13.86
N PRO A 283 -23.28 -10.76 -14.14
CA PRO A 283 -22.33 -11.16 -15.18
C PRO A 283 -22.85 -10.73 -16.56
N LEU A 284 -21.92 -10.45 -17.46
CA LEU A 284 -22.27 -10.10 -18.83
C LEU A 284 -22.75 -11.32 -19.62
N GLU A 285 -23.94 -11.24 -20.21
CA GLU A 285 -24.43 -12.31 -21.08
C GLU A 285 -23.70 -12.22 -22.44
N HIS A 286 -23.55 -13.36 -23.12
CA HIS A 286 -22.90 -13.41 -24.45
C HIS A 286 -23.81 -14.04 -25.50
N HIS A 287 -23.53 -13.78 -26.77
CA HIS A 287 -24.32 -14.33 -27.87
C HIS A 287 -23.42 -14.92 -28.96
N ASP B 3 3.00 -8.09 22.97
CA ASP B 3 3.51 -8.62 21.70
C ASP B 3 4.90 -8.02 21.42
N ASN B 4 5.93 -8.84 21.62
CA ASN B 4 7.30 -8.43 21.38
C ASN B 4 7.85 -9.06 20.10
N SER B 5 6.94 -9.55 19.27
CA SER B 5 7.31 -10.26 18.05
C SER B 5 8.14 -9.40 17.10
N ARG B 6 8.93 -10.08 16.27
CA ARG B 6 9.56 -9.45 15.10
C ARG B 6 8.53 -8.71 14.26
N THR B 7 8.83 -7.50 13.82
CA THR B 7 7.87 -6.85 12.94
C THR B 7 8.51 -6.52 11.59
N ARG B 8 7.67 -6.43 10.57
CA ARG B 8 8.13 -6.17 9.21
C ARG B 8 8.92 -4.87 9.15
N PRO B 9 10.01 -4.85 8.37
CA PRO B 9 10.69 -3.56 8.20
C PRO B 9 9.73 -2.53 7.59
N ARG B 10 9.88 -1.29 8.00
CA ARG B 10 9.12 -0.19 7.43
C ARG B 10 9.88 0.35 6.23
N VAL B 11 9.26 0.25 5.05
CA VAL B 11 9.97 0.46 3.80
C VAL B 11 9.30 1.48 2.92
N GLY B 12 10.07 2.47 2.47
CA GLY B 12 9.52 3.52 1.62
C GLY B 12 9.47 3.10 0.16
N HIS B 13 8.61 3.74 -0.60
CA HIS B 13 8.58 3.50 -2.04
C HIS B 13 8.10 4.75 -2.77
N ILE B 14 8.86 5.17 -3.78
CA ILE B 14 8.54 6.38 -4.54
C ILE B 14 7.31 6.14 -5.41
N GLN B 15 6.34 7.04 -5.32
CA GLN B 15 5.05 6.83 -5.99
C GLN B 15 5.11 7.15 -7.50
N PHE B 16 6.24 7.70 -7.96
CA PHE B 16 6.39 8.05 -9.36
C PHE B 16 6.43 6.82 -10.26
N LEU B 17 6.19 7.04 -11.55
CA LEU B 17 6.36 6.00 -12.56
C LEU B 17 7.79 5.40 -12.62
N ASP B 18 8.81 6.18 -12.26
CA ASP B 18 10.16 5.65 -12.34
C ASP B 18 10.38 4.43 -11.43
N CYS B 19 9.56 4.30 -10.37
CA CYS B 19 9.69 3.12 -9.50
C CYS B 19 8.50 2.17 -9.57
N LEU B 20 7.60 2.39 -10.53
CA LEU B 20 6.45 1.49 -10.72
C LEU B 20 6.90 0.11 -11.19
N PRO B 21 7.86 0.03 -12.12
CA PRO B 21 8.28 -1.35 -12.45
C PRO B 21 8.83 -2.09 -11.23
N LEU B 22 9.60 -1.42 -10.39
CA LEU B 22 10.10 -2.05 -9.17
C LEU B 22 8.92 -2.53 -8.29
N TYR B 23 7.88 -1.69 -8.19
CA TYR B 23 6.70 -2.02 -7.42
C TYR B 23 6.10 -3.31 -7.95
N TRP B 24 5.90 -3.34 -9.27
CA TRP B 24 5.47 -4.56 -9.95
C TRP B 24 6.30 -5.74 -9.51
N GLY B 25 7.62 -5.57 -9.50
CA GLY B 25 8.52 -6.62 -9.07
C GLY B 25 8.26 -7.07 -7.64
N LEU B 26 8.12 -6.10 -6.74
CA LEU B 26 7.90 -6.40 -5.32
C LEU B 26 6.59 -7.18 -5.12
N ALA B 27 5.60 -6.87 -5.94
CA ALA B 27 4.29 -7.53 -5.88
C ALA B 27 4.35 -8.96 -6.39
N ARG B 28 4.88 -9.15 -7.59
CA ARG B 28 4.91 -10.45 -8.25
C ARG B 28 5.74 -11.50 -7.50
N THR B 29 6.79 -11.03 -6.85
CA THR B 29 7.66 -11.88 -6.04
C THR B 29 7.05 -12.13 -4.67
N GLY B 30 6.06 -11.33 -4.33
CA GLY B 30 5.44 -11.43 -3.03
C GLY B 30 6.24 -10.73 -1.94
N THR B 31 7.30 -10.04 -2.33
CA THR B 31 8.17 -9.35 -1.38
C THR B 31 7.44 -8.29 -0.56
N LEU B 32 6.48 -7.61 -1.19
CA LEU B 32 5.62 -6.63 -0.50
C LEU B 32 5.06 -7.12 0.83
N LEU B 33 4.84 -8.41 0.97
CA LEU B 33 4.21 -8.91 2.18
C LEU B 33 5.24 -9.14 3.29
N ASP B 34 6.50 -8.80 3.01
CA ASP B 34 7.54 -8.81 4.04
C ASP B 34 7.78 -7.39 4.52
N PHE B 35 7.07 -6.43 3.93
CA PHE B 35 7.27 -5.01 4.19
C PHE B 35 6.05 -4.41 4.83
N GLU B 36 6.25 -3.39 5.64
CA GLU B 36 5.21 -2.42 5.91
C GLU B 36 5.51 -1.18 5.06
N LEU B 37 4.78 -1.02 3.96
CA LEU B 37 5.16 -0.08 2.90
C LEU B 37 4.48 1.27 2.99
N THR B 38 5.27 2.31 2.76
CA THR B 38 4.80 3.68 2.69
C THR B 38 5.11 4.23 1.31
N LYS B 39 4.08 4.71 0.62
CA LYS B 39 4.26 5.32 -0.71
C LYS B 39 4.17 6.82 -0.60
N ASP B 40 5.13 7.52 -1.20
CA ASP B 40 5.09 8.97 -1.17
C ASP B 40 6.05 9.49 -2.21
N THR B 41 6.27 10.79 -2.19
CA THR B 41 7.21 11.43 -3.09
C THR B 41 8.61 11.38 -2.45
N PRO B 42 9.66 11.55 -3.26
CA PRO B 42 11.01 11.28 -2.72
C PRO B 42 11.47 12.19 -1.58
N GLU B 43 11.10 13.48 -1.54
CA GLU B 43 11.59 14.33 -0.46
C GLU B 43 10.95 13.88 0.87
N LYS B 44 9.66 13.53 0.86
CA LYS B 44 8.96 13.08 2.07
C LYS B 44 9.60 11.78 2.58
N LEU B 45 9.86 10.85 1.67
CA LEU B 45 10.41 9.53 2.05
C LEU B 45 11.82 9.65 2.62
N SER B 46 12.62 10.54 2.04
CA SER B 46 13.93 10.83 2.59
C SER B 46 13.84 11.35 4.02
N GLU B 47 12.95 12.33 4.24
CA GLU B 47 12.73 12.90 5.57
C GLU B 47 12.35 11.83 6.59
N GLN B 48 11.36 11.03 6.23
CA GLN B 48 10.87 9.96 7.10
C GLN B 48 11.95 8.96 7.47
N LEU B 49 12.78 8.56 6.52
CA LEU B 49 13.85 7.61 6.82
C LEU B 49 14.86 8.24 7.76
N VAL B 50 15.27 9.48 7.43
CA VAL B 50 16.23 10.21 8.23
C VAL B 50 15.78 10.39 9.67
N ARG B 51 14.49 10.60 9.88
CA ARG B 51 14.00 10.87 11.23
C ARG B 51 13.45 9.63 11.94
N GLY B 52 13.55 8.47 11.29
CA GLY B 52 13.25 7.23 11.99
C GLY B 52 11.83 6.72 11.82
N ASP B 53 11.10 7.30 10.89
CA ASP B 53 9.75 6.83 10.60
C ASP B 53 9.76 5.63 9.63
N LEU B 54 10.89 5.41 8.97
CA LEU B 54 11.07 4.26 8.08
C LEU B 54 12.37 3.59 8.46
N ASP B 55 12.52 2.31 8.14
CA ASP B 55 13.75 1.59 8.43
C ASP B 55 14.68 1.56 7.22
N ILE B 56 14.05 1.41 6.06
CA ILE B 56 14.72 1.21 4.78
C ILE B 56 13.92 1.95 3.73
N GLY B 57 14.59 2.51 2.73
CA GLY B 57 13.84 3.17 1.67
C GLY B 57 14.72 3.94 0.72
N PRO B 58 14.10 4.45 -0.36
CA PRO B 58 14.77 5.28 -1.36
C PRO B 58 15.10 6.62 -0.73
N VAL B 59 16.29 7.13 -1.00
CA VAL B 59 16.74 8.42 -0.49
C VAL B 59 17.25 9.20 -1.66
N THR B 60 16.73 10.40 -1.88
CA THR B 60 17.29 11.21 -2.95
C THR B 60 18.74 11.52 -2.59
N LEU B 61 19.59 11.50 -3.61
CA LEU B 61 21.03 11.48 -3.39
C LEU B 61 21.54 12.58 -2.46
N VAL B 62 21.16 13.85 -2.67
CA VAL B 62 21.74 14.89 -1.83
C VAL B 62 21.32 14.72 -0.36
N GLU B 63 20.14 14.18 -0.11
CA GLU B 63 19.75 13.90 1.28
C GLU B 63 20.54 12.71 1.83
N PHE B 64 20.83 11.71 0.98
CA PHE B 64 21.70 10.63 1.45
C PHE B 64 23.06 11.20 1.85
N LEU B 65 23.62 12.03 0.98
CA LEU B 65 24.97 12.55 1.19
C LEU B 65 25.02 13.43 2.46
N LYS B 66 23.98 14.21 2.72
CA LYS B 66 23.91 15.00 3.94
C LYS B 66 23.88 14.12 5.19
N ASN B 67 23.40 12.88 5.05
CA ASN B 67 23.20 12.01 6.20
C ASN B 67 24.00 10.73 6.11
N ALA B 68 25.14 10.79 5.42
CA ALA B 68 25.89 9.61 5.02
C ALA B 68 26.43 8.78 6.20
N ASP B 69 26.62 9.44 7.34
CA ASP B 69 27.09 8.77 8.53
C ASP B 69 26.04 7.84 9.12
N ASP B 70 24.77 8.20 8.93
CA ASP B 70 23.67 7.49 9.55
C ASP B 70 22.85 6.62 8.60
N LEU B 71 23.39 6.38 7.41
CA LEU B 71 22.70 5.56 6.41
C LEU B 71 23.71 4.64 5.74
N VAL B 72 23.25 3.43 5.42
CA VAL B 72 24.09 2.50 4.69
CA VAL B 72 24.06 2.46 4.71
C VAL B 72 23.39 2.18 3.37
N ALA B 73 24.08 2.50 2.27
CA ALA B 73 23.49 2.36 0.94
C ALA B 73 23.48 0.92 0.44
N PHE B 74 22.42 0.57 -0.27
CA PHE B 74 22.28 -0.73 -0.93
C PHE B 74 23.10 -0.78 -2.23
N PRO B 75 24.02 -1.75 -2.35
CA PRO B 75 24.72 -1.85 -3.64
C PRO B 75 23.81 -2.36 -4.76
N ASP B 76 24.13 -1.95 -5.98
CA ASP B 76 23.56 -2.48 -7.22
C ASP B 76 22.08 -2.15 -7.50
N ILE B 77 21.52 -1.16 -6.82
CA ILE B 77 20.21 -0.66 -7.21
C ILE B 77 20.19 0.84 -6.93
N ALA B 78 19.60 1.60 -7.83
CA ALA B 78 19.54 3.07 -7.75
C ALA B 78 18.55 3.58 -8.80
N VAL B 79 18.13 4.84 -8.69
CA VAL B 79 17.38 5.45 -9.78
C VAL B 79 18.34 6.35 -10.52
N GLY B 80 18.68 6.01 -11.75
CA GLY B 80 19.62 6.84 -12.48
C GLY B 80 19.47 6.76 -13.99
N CYS B 81 20.55 7.11 -14.67
CA CYS B 81 20.54 7.26 -16.11
C CYS B 81 21.98 7.31 -16.59
N ASP B 82 22.15 7.05 -17.87
CA ASP B 82 23.41 7.25 -18.54
C ASP B 82 23.10 7.97 -19.84
N GLY B 83 22.96 9.28 -19.76
CA GLY B 83 22.35 10.06 -20.83
C GLY B 83 21.00 10.57 -20.37
N PRO B 84 20.00 10.60 -21.26
CA PRO B 84 18.67 11.05 -20.84
C PRO B 84 18.02 10.19 -19.74
N VAL B 85 17.33 10.86 -18.82
CA VAL B 85 16.58 10.20 -17.75
C VAL B 85 15.07 10.43 -17.95
N MET B 86 14.76 11.39 -18.82
CA MET B 86 13.39 11.68 -19.31
C MET B 86 12.42 12.32 -18.32
N SER B 87 12.61 12.08 -17.02
CA SER B 87 11.68 12.59 -16.02
C SER B 87 12.34 13.46 -14.95
N CYS B 88 13.44 14.10 -15.31
CA CYS B 88 13.99 15.21 -14.52
C CYS B 88 14.48 16.22 -15.53
N VAL B 89 13.82 17.36 -15.56
CA VAL B 89 13.94 18.30 -16.67
C VAL B 89 14.01 19.77 -16.22
N ILE B 90 14.49 20.63 -17.09
CA ILE B 90 14.28 22.06 -16.93
C ILE B 90 13.36 22.48 -18.05
N VAL B 91 12.16 22.93 -17.72
CA VAL B 91 11.24 23.46 -18.71
C VAL B 91 11.37 24.97 -18.76
N SER B 92 11.59 25.51 -19.95
CA SER B 92 11.93 26.93 -20.06
C SER B 92 11.29 27.63 -21.25
N GLN B 93 10.91 28.87 -21.02
CA GLN B 93 10.31 29.70 -22.05
C GLN B 93 11.38 30.43 -22.86
N VAL B 94 12.59 30.45 -22.34
CA VAL B 94 13.71 31.12 -22.98
C VAL B 94 14.94 30.21 -23.02
N PRO B 95 15.92 30.53 -23.88
CA PRO B 95 17.21 29.81 -23.81
C PRO B 95 17.80 29.83 -22.40
N LEU B 96 18.44 28.74 -22.00
CA LEU B 96 19.01 28.65 -20.66
C LEU B 96 19.96 29.82 -20.36
N ASP B 97 20.73 30.25 -21.35
CA ASP B 97 21.68 31.32 -21.09
C ASP B 97 21.02 32.70 -21.00
N ARG B 98 19.69 32.75 -21.01
CA ARG B 98 18.98 34.02 -20.83
C ARG B 98 18.26 34.09 -19.48
N LEU B 99 18.59 33.16 -18.58
CA LEU B 99 17.92 33.05 -17.28
C LEU B 99 18.61 33.83 -16.16
N ASP B 100 19.67 34.56 -16.46
CA ASP B 100 20.36 35.30 -15.40
C ASP B 100 19.48 36.39 -14.81
N GLY B 101 19.14 36.24 -13.53
CA GLY B 101 18.24 37.16 -12.87
C GLY B 101 16.77 36.83 -13.13
N ALA B 102 16.51 35.84 -13.97
CA ALA B 102 15.14 35.40 -14.25
C ALA B 102 14.59 34.55 -13.11
N ARG B 103 13.27 34.49 -12.99
CA ARG B 103 12.67 33.67 -11.94
C ARG B 103 12.58 32.21 -12.39
N VAL B 104 13.09 31.31 -11.56
CA VAL B 104 13.02 29.89 -11.84
C VAL B 104 12.37 29.12 -10.68
N ALA B 105 11.32 28.36 -10.99
CA ALA B 105 10.60 27.59 -9.99
C ALA B 105 11.23 26.22 -9.72
N LEU B 106 11.44 25.91 -8.45
CA LEU B 106 11.96 24.60 -8.06
C LEU B 106 10.83 23.77 -7.46
N GLY B 107 10.44 22.71 -8.16
CA GLY B 107 9.41 21.81 -7.69
C GLY B 107 9.84 21.16 -6.38
N SER B 108 9.02 21.33 -5.35
CA SER B 108 9.38 20.98 -3.97
C SER B 108 9.57 19.50 -3.71
N THR B 109 9.11 18.64 -4.62
CA THR B 109 9.29 17.21 -4.42
C THR B 109 10.75 16.78 -4.62
N SER B 110 11.57 17.63 -5.24
CA SER B 110 12.94 17.27 -5.59
C SER B 110 13.97 17.88 -4.66
N ARG B 111 15.04 17.13 -4.39
CA ARG B 111 16.19 17.70 -3.72
C ARG B 111 17.42 17.59 -4.63
N THR B 112 17.52 16.51 -5.39
CA THR B 112 18.73 16.28 -6.15
C THR B 112 18.69 16.89 -7.55
N SER B 113 17.57 16.76 -8.26
CA SER B 113 17.46 17.34 -9.59
C SER B 113 17.56 18.85 -9.52
N VAL B 114 16.98 19.43 -8.49
CA VAL B 114 17.05 20.87 -8.35
C VAL B 114 18.48 21.31 -8.12
N ARG B 115 19.24 20.58 -7.30
CA ARG B 115 20.64 20.95 -7.10
C ARG B 115 21.45 20.76 -8.39
N LEU B 116 21.14 19.73 -9.15
CA LEU B 116 21.83 19.48 -10.43
C LEU B 116 21.55 20.62 -11.42
N ALA B 117 20.30 21.04 -11.46
CA ALA B 117 19.89 22.15 -12.32
C ALA B 117 20.65 23.43 -11.95
N GLN B 118 20.66 23.74 -10.67
CA GLN B 118 21.38 24.91 -10.17
C GLN B 118 22.87 24.83 -10.50
N LEU B 119 23.46 23.66 -10.35
CA LEU B 119 24.88 23.50 -10.68
C LEU B 119 25.07 23.76 -12.18
N LEU B 120 24.26 23.13 -13.03
CA LEU B 120 24.42 23.30 -14.48
C LEU B 120 24.25 24.77 -14.90
N LEU B 121 23.21 25.42 -14.39
CA LEU B 121 22.91 26.79 -14.80
C LEU B 121 24.05 27.71 -14.41
N SER B 122 24.47 27.60 -13.15
CA SER B 122 25.57 28.39 -12.63
C SER B 122 26.92 28.08 -13.30
N GLU B 123 27.33 26.83 -13.27
CA GLU B 123 28.72 26.48 -13.61
C GLU B 123 28.89 26.07 -15.07
N ARG B 124 27.82 25.71 -15.76
CA ARG B 124 27.97 25.41 -17.18
C ARG B 124 27.48 26.58 -18.03
N PHE B 125 26.36 27.20 -17.67
CA PHE B 125 25.79 28.25 -18.51
C PHE B 125 25.98 29.66 -17.95
N GLY B 126 26.49 29.75 -16.72
CA GLY B 126 26.87 31.02 -16.13
C GLY B 126 25.75 31.99 -15.84
N VAL B 127 24.59 31.49 -15.41
CA VAL B 127 23.48 32.36 -15.07
C VAL B 127 23.09 32.18 -13.60
N GLN B 128 22.70 33.28 -12.98
CA GLN B 128 22.22 33.23 -11.60
C GLN B 128 20.77 33.67 -11.53
N PRO B 129 19.84 32.71 -11.53
CA PRO B 129 18.40 33.02 -11.46
C PRO B 129 17.95 33.34 -10.04
N ASP B 130 16.73 33.86 -9.91
CA ASP B 130 16.07 33.95 -8.60
C ASP B 130 15.27 32.70 -8.43
N TYR B 131 15.84 31.74 -7.70
CA TYR B 131 15.16 30.48 -7.48
C TYR B 131 14.11 30.62 -6.40
N TYR B 132 13.03 29.85 -6.51
CA TYR B 132 12.12 29.70 -5.40
C TYR B 132 11.46 28.35 -5.49
N THR B 133 11.11 27.82 -4.32
CA THR B 133 10.52 26.51 -4.22
C THR B 133 9.01 26.62 -4.28
N CYS B 134 8.36 25.62 -4.86
CA CYS B 134 6.90 25.59 -4.89
C CYS B 134 6.36 24.21 -5.29
N PRO B 135 5.07 23.96 -5.04
CA PRO B 135 4.48 22.70 -5.50
C PRO B 135 4.64 22.50 -7.01
N PRO B 136 4.81 21.25 -7.46
CA PRO B 136 4.99 20.91 -8.87
C PRO B 136 3.71 21.14 -9.65
N ASP B 137 3.72 22.11 -10.56
CA ASP B 137 2.56 22.46 -11.36
C ASP B 137 3.05 23.29 -12.53
N LEU B 138 3.23 22.66 -13.68
CA LEU B 138 3.83 23.34 -14.82
C LEU B 138 3.06 24.60 -15.18
N SER B 139 1.73 24.54 -15.14
CA SER B 139 0.89 25.68 -15.51
C SER B 139 1.09 26.89 -14.59
N LEU B 140 0.99 26.69 -13.28
CA LEU B 140 1.20 27.79 -12.34
C LEU B 140 2.63 28.32 -12.46
N MET B 141 3.59 27.39 -12.48
CA MET B 141 5.00 27.75 -12.61
C MET B 141 5.27 28.60 -13.85
N MET B 142 4.76 28.16 -15.00
CA MET B 142 5.00 28.89 -16.24
C MET B 142 4.34 30.27 -16.24
N GLN B 143 3.32 30.45 -15.41
CA GLN B 143 2.68 31.75 -15.23
C GLN B 143 3.55 32.66 -14.39
N GLU B 144 4.17 32.07 -13.36
CA GLU B 144 4.93 32.82 -12.35
C GLU B 144 6.42 32.93 -12.68
N ALA B 145 6.91 32.09 -13.59
CA ALA B 145 8.34 31.98 -13.83
C ALA B 145 8.70 31.75 -15.29
N ASP B 146 9.98 31.94 -15.60
CA ASP B 146 10.48 31.79 -16.95
C ASP B 146 10.93 30.35 -17.19
N ALA B 147 11.19 29.64 -16.10
CA ALA B 147 11.59 28.25 -16.19
C ALA B 147 11.26 27.50 -14.90
N ALA B 148 11.25 26.17 -14.99
CA ALA B 148 10.92 25.36 -13.85
C ALA B 148 11.68 24.07 -13.88
N VAL B 149 12.01 23.56 -12.71
CA VAL B 149 12.65 22.27 -12.58
C VAL B 149 11.62 21.27 -12.07
N LEU B 150 11.41 20.19 -12.83
CA LEU B 150 10.42 19.18 -12.48
C LEU B 150 11.02 17.79 -12.45
N ILE B 151 10.42 16.90 -11.65
CA ILE B 151 10.81 15.51 -11.60
C ILE B 151 9.55 14.62 -11.63
N GLY B 152 9.73 13.32 -11.73
CA GLY B 152 8.61 12.40 -11.64
C GLY B 152 7.66 12.52 -12.82
N ASP B 153 6.39 12.19 -12.56
CA ASP B 153 5.42 12.08 -13.63
C ASP B 153 5.13 13.45 -14.24
N ALA B 154 5.17 14.48 -13.41
CA ALA B 154 5.00 15.84 -13.92
C ALA B 154 6.09 16.18 -14.95
N ALA B 155 7.33 15.79 -14.65
CA ALA B 155 8.43 16.01 -15.59
C ALA B 155 8.28 15.19 -16.86
N LEU B 156 7.92 13.92 -16.72
CA LEU B 156 7.75 13.08 -17.88
C LEU B 156 6.62 13.64 -18.71
N ARG B 157 5.61 14.20 -18.05
CA ARG B 157 4.49 14.75 -18.77
C ARG B 157 4.95 15.97 -19.55
N ALA B 158 5.75 16.82 -18.91
CA ALA B 158 6.25 18.03 -19.58
C ALA B 158 7.07 17.66 -20.81
N ASN B 159 7.88 16.62 -20.66
CA ASN B 159 8.81 16.16 -21.68
C ASN B 159 8.10 15.55 -22.89
N MET B 160 7.11 14.70 -22.63
CA MET B 160 6.49 13.91 -23.69
C MET B 160 5.23 14.56 -24.24
N ILE B 161 4.62 15.48 -23.50
CA ILE B 161 3.29 16.01 -23.88
C ILE B 161 3.15 17.53 -23.87
N ASP B 162 3.31 18.16 -22.70
CA ASP B 162 3.08 19.60 -22.54
C ASP B 162 4.08 20.45 -23.31
N GLY B 163 5.37 20.11 -23.19
CA GLY B 163 6.42 20.75 -23.94
C GLY B 163 6.11 20.85 -25.42
N PRO B 164 5.95 19.69 -26.09
CA PRO B 164 5.56 19.72 -27.51
C PRO B 164 4.23 20.43 -27.74
N ARG B 165 3.27 20.28 -26.81
CA ARG B 165 1.96 20.91 -26.93
C ARG B 165 2.06 22.42 -27.02
N TYR B 166 2.71 23.01 -26.03
CA TYR B 166 2.72 24.46 -25.89
C TYR B 166 4.01 25.11 -26.36
N GLY B 167 4.83 24.35 -27.09
CA GLY B 167 6.10 24.85 -27.60
C GLY B 167 7.07 25.37 -26.54
N LEU B 168 7.29 24.56 -25.50
CA LEU B 168 8.25 24.94 -24.47
C LEU B 168 9.53 24.11 -24.62
N ASP B 169 10.68 24.71 -24.38
CA ASP B 169 11.90 23.91 -24.36
C ASP B 169 11.90 23.03 -23.12
N VAL B 170 12.32 21.80 -23.29
CA VAL B 170 12.45 20.88 -22.17
C VAL B 170 13.81 20.23 -22.25
N HIS B 171 14.67 20.56 -21.29
CA HIS B 171 16.02 20.04 -21.24
C HIS B 171 16.11 18.89 -20.27
N ASP B 172 16.61 17.77 -20.76
CA ASP B 172 16.78 16.56 -19.95
C ASP B 172 17.99 16.79 -19.05
N LEU B 173 17.80 16.71 -17.73
CA LEU B 173 18.90 16.92 -16.80
C LEU B 173 20.01 15.85 -16.90
N GLY B 174 19.63 14.62 -17.18
CA GLY B 174 20.58 13.53 -17.33
C GLY B 174 21.47 13.83 -18.54
N ALA B 175 20.83 14.27 -19.62
CA ALA B 175 21.52 14.69 -20.85
C ALA B 175 22.46 15.89 -20.64
N LEU B 176 21.98 16.93 -19.96
CA LEU B 176 22.83 18.10 -19.73
C LEU B 176 24.09 17.71 -18.96
N TRP B 177 23.92 16.82 -17.96
CA TRP B 177 25.02 16.32 -17.17
C TRP B 177 25.98 15.46 -17.99
N LYS B 178 25.41 14.57 -18.79
CA LYS B 178 26.20 13.71 -19.69
C LYS B 178 27.00 14.55 -20.69
N GLU B 179 26.36 15.51 -21.33
CA GLU B 179 27.06 16.44 -22.23
C GLU B 179 28.24 17.11 -21.53
N TRP B 180 28.00 17.60 -20.33
CA TRP B 180 28.97 18.36 -19.55
C TRP B 180 30.13 17.53 -18.99
N THR B 181 29.86 16.28 -18.62
CA THR B 181 30.85 15.45 -17.91
C THR B 181 31.16 14.11 -18.60
N GLY B 182 30.33 13.67 -19.52
CA GLY B 182 30.45 12.34 -20.06
C GLY B 182 30.00 11.24 -19.09
N LEU B 183 29.49 11.64 -17.94
CA LEU B 183 29.15 10.69 -16.88
C LEU B 183 27.67 10.31 -16.85
N PRO B 184 27.35 9.15 -16.26
CA PRO B 184 25.96 8.82 -15.95
C PRO B 184 25.54 9.62 -14.73
N PHE B 185 24.29 9.51 -14.30
CA PHE B 185 23.90 10.22 -13.08
C PHE B 185 23.03 9.30 -12.22
N VAL B 186 23.13 9.48 -10.91
CA VAL B 186 22.27 8.80 -9.92
C VAL B 186 21.44 9.84 -9.15
N PHE B 187 20.12 9.73 -9.22
CA PHE B 187 19.25 10.67 -8.50
C PHE B 187 18.85 10.21 -7.10
N ALA B 188 18.73 8.90 -6.92
CA ALA B 188 18.33 8.32 -5.64
C ALA B 188 18.94 6.96 -5.45
N VAL B 189 19.17 6.61 -4.19
CA VAL B 189 19.74 5.32 -3.82
C VAL B 189 18.81 4.69 -2.81
N TRP B 190 19.00 3.41 -2.51
CA TRP B 190 18.27 2.78 -1.40
C TRP B 190 19.23 2.64 -0.24
N ALA B 191 18.72 2.82 0.96
CA ALA B 191 19.56 2.75 2.13
C ALA B 191 18.76 2.21 3.30
N ALA B 192 19.46 1.60 4.24
CA ALA B 192 18.91 1.29 5.55
C ALA B 192 19.45 2.31 6.53
N ARG B 193 18.66 2.68 7.54
CA ARG B 193 19.20 3.42 8.67
C ARG B 193 20.33 2.61 9.29
N ARG B 194 21.41 3.27 9.70
CA ARG B 194 22.50 2.54 10.33
C ARG B 194 22.06 1.78 11.58
N ASP B 195 21.17 2.35 12.40
CA ASP B 195 20.81 1.67 13.63
C ASP B 195 19.96 0.44 13.31
N TYR B 196 19.14 0.52 12.26
CA TYR B 196 18.31 -0.61 11.90
C TYR B 196 19.19 -1.71 11.28
N ALA B 197 20.10 -1.32 10.41
CA ALA B 197 21.03 -2.27 9.79
C ALA B 197 21.85 -3.02 10.84
N GLU B 198 22.21 -2.34 11.92
CA GLU B 198 23.05 -2.94 12.96
C GLU B 198 22.22 -3.76 13.93
N ARG B 199 20.99 -3.35 14.16
CA ARG B 199 20.11 -4.15 14.99
C ARG B 199 19.65 -5.42 14.28
N GLU B 200 19.32 -5.29 12.99
CA GLU B 200 18.81 -6.41 12.21
C GLU B 200 19.61 -6.61 10.92
N PRO B 201 20.83 -7.13 11.03
CA PRO B 201 21.67 -7.31 9.84
C PRO B 201 21.07 -8.25 8.80
N VAL B 202 20.42 -9.35 9.21
N VAL B 202 20.47 -9.37 9.24
CA VAL B 202 19.97 -10.33 8.22
CA VAL B 202 19.88 -10.36 8.34
C VAL B 202 18.62 -9.94 7.59
C VAL B 202 18.71 -9.78 7.57
N ILE B 203 17.78 -9.21 8.32
CA ILE B 203 16.57 -8.66 7.72
C ILE B 203 16.99 -7.63 6.68
N THR B 204 17.93 -6.77 7.05
CA THR B 204 18.46 -5.76 6.12
C THR B 204 19.01 -6.41 4.83
N ARG B 205 19.80 -7.46 4.98
CA ARG B 205 20.37 -8.10 3.79
C ARG B 205 19.30 -8.79 2.95
N LYS B 206 18.34 -9.44 3.59
CA LYS B 206 17.23 -10.10 2.87
C LYS B 206 16.34 -9.11 2.13
N VAL B 207 16.11 -7.95 2.74
CA VAL B 207 15.40 -6.87 2.06
C VAL B 207 16.17 -6.37 0.84
N HIS B 208 17.46 -6.12 1.04
CA HIS B 208 18.34 -5.74 -0.06
C HIS B 208 18.23 -6.76 -1.21
N GLU B 209 18.41 -8.04 -0.88
CA GLU B 209 18.34 -9.11 -1.87
C GLU B 209 16.99 -9.22 -2.58
N ALA B 210 15.91 -8.96 -1.84
CA ALA B 210 14.58 -9.02 -2.42
C ALA B 210 14.33 -7.82 -3.36
N PHE B 211 14.96 -6.67 -3.09
CA PHE B 211 14.89 -5.52 -3.98
C PHE B 211 15.61 -5.84 -5.30
N LEU B 212 16.76 -6.49 -5.20
CA LEU B 212 17.53 -6.84 -6.38
C LEU B 212 16.75 -7.80 -7.24
N ALA B 213 16.19 -8.83 -6.60
CA ALA B 213 15.36 -9.83 -7.28
C ALA B 213 14.16 -9.19 -7.98
N SER B 214 13.51 -8.26 -7.30
CA SER B 214 12.33 -7.62 -7.85
C SER B 214 12.67 -6.71 -9.01
N ARG B 215 13.79 -6.02 -8.90
CA ARG B 215 14.23 -5.12 -9.95
C ARG B 215 14.53 -5.96 -11.19
N ASN B 216 15.30 -7.03 -10.99
CA ASN B 216 15.63 -7.92 -12.09
C ASN B 216 14.37 -8.42 -12.77
N LEU B 217 13.40 -8.82 -11.95
CA LEU B 217 12.12 -9.26 -12.48
C LEU B 217 11.43 -8.16 -13.30
N SER B 218 11.47 -6.92 -12.81
CA SER B 218 10.82 -5.83 -13.51
C SER B 218 11.47 -5.54 -14.88
N LEU B 219 12.77 -5.79 -14.99
CA LEU B 219 13.46 -5.65 -16.27
C LEU B 219 12.98 -6.73 -17.24
N GLU B 220 12.83 -7.94 -16.73
CA GLU B 220 12.45 -9.05 -17.58
C GLU B 220 11.01 -8.92 -18.03
N GLU B 221 10.17 -8.31 -17.19
CA GLU B 221 8.75 -8.19 -17.53
C GLU B 221 8.35 -6.76 -17.87
N VAL B 222 9.30 -5.97 -18.39
CA VAL B 222 9.09 -4.53 -18.53
C VAL B 222 7.91 -4.23 -19.46
N GLU B 223 7.70 -5.07 -20.45
CA GLU B 223 6.63 -4.83 -21.39
C GLU B 223 5.27 -5.05 -20.75
N LYS B 224 5.12 -6.14 -20.00
CA LYS B 224 3.90 -6.39 -19.22
C LYS B 224 3.57 -5.20 -18.33
N VAL B 225 4.60 -4.63 -17.70
CA VAL B 225 4.43 -3.46 -16.84
C VAL B 225 3.99 -2.23 -17.62
N ALA B 226 4.59 -2.02 -18.80
CA ALA B 226 4.20 -0.88 -19.64
C ALA B 226 2.77 -1.04 -20.15
N GLU B 227 2.44 -2.24 -20.64
CA GLU B 227 1.10 -2.50 -21.13
C GLU B 227 0.07 -2.16 -20.05
N GLN B 228 0.27 -2.70 -18.85
CA GLN B 228 -0.65 -2.45 -17.74
C GLN B 228 -0.72 -0.98 -17.34
N ALA B 229 0.44 -0.34 -17.22
CA ALA B 229 0.45 1.05 -16.78
C ALA B 229 -0.20 1.98 -17.83
N ALA B 230 -0.02 1.67 -19.10
CA ALA B 230 -0.58 2.51 -20.18
C ALA B 230 -2.11 2.67 -20.05
N ARG B 231 -2.76 1.70 -19.42
CA ARG B 231 -4.21 1.71 -19.28
C ARG B 231 -4.66 2.84 -18.37
N TRP B 232 -3.75 3.31 -17.52
CA TRP B 232 -4.10 4.25 -16.46
C TRP B 232 -3.38 5.61 -16.55
N GLU B 233 -2.51 5.78 -17.55
CA GLU B 233 -1.72 7.01 -17.66
C GLU B 233 -1.96 7.71 -19.00
N ALA B 234 -1.52 8.95 -19.10
CA ALA B 234 -1.64 9.69 -20.35
C ALA B 234 -0.63 9.16 -21.38
N PHE B 235 0.41 8.49 -20.90
CA PHE B 235 1.43 7.89 -21.77
C PHE B 235 0.98 6.55 -22.34
N ASP B 236 1.32 6.28 -23.61
CA ASP B 236 0.97 4.99 -24.19
C ASP B 236 2.05 3.95 -23.86
N GLU B 237 1.80 2.71 -24.26
CA GLU B 237 2.66 1.59 -23.92
C GLU B 237 4.10 1.75 -24.46
N ASP B 238 4.20 2.24 -25.69
CA ASP B 238 5.52 2.44 -26.31
C ASP B 238 6.35 3.41 -25.51
N THR B 239 5.74 4.54 -25.18
CA THR B 239 6.39 5.59 -24.40
C THR B 239 6.83 5.09 -23.01
N LEU B 240 5.98 4.29 -22.36
CA LEU B 240 6.32 3.77 -21.04
C LEU B 240 7.44 2.75 -21.13
N ALA B 241 7.38 1.88 -22.13
CA ALA B 241 8.44 0.88 -22.33
C ALA B 241 9.77 1.56 -22.60
N LYS B 242 9.74 2.61 -23.40
CA LYS B 242 10.94 3.41 -23.70
C LYS B 242 11.47 4.02 -22.42
N TYR B 243 10.57 4.58 -21.63
CA TYR B 243 10.93 5.24 -20.38
C TYR B 243 11.56 4.26 -19.41
N PHE B 244 10.91 3.12 -19.17
CA PHE B 244 11.39 2.14 -18.21
C PHE B 244 12.72 1.54 -18.66
N THR B 245 12.94 1.42 -19.97
CA THR B 245 14.18 0.86 -20.45
C THR B 245 15.28 1.93 -20.55
N THR B 246 14.90 3.21 -20.60
CA THR B 246 15.91 4.28 -20.65
C THR B 246 16.48 4.49 -19.26
N LEU B 247 15.62 4.41 -18.25
CA LEU B 247 16.05 4.54 -16.87
C LEU B 247 17.14 3.50 -16.60
N ASP B 248 18.11 3.87 -15.77
CA ASP B 248 19.23 2.99 -15.44
C ASP B 248 19.17 2.72 -13.94
N PHE B 249 18.93 1.47 -13.57
CA PHE B 249 18.79 1.10 -12.16
C PHE B 249 20.04 0.43 -11.59
N ARG B 250 21.19 0.62 -12.23
CA ARG B 250 22.41 0.01 -11.72
C ARG B 250 23.04 0.86 -10.63
N PHE B 251 23.84 0.23 -9.77
CA PHE B 251 24.60 1.00 -8.79
C PHE B 251 25.90 0.29 -8.42
N GLY B 252 26.84 0.29 -9.36
CA GLY B 252 28.16 -0.26 -9.14
C GLY B 252 29.21 0.82 -9.31
N ALA B 253 30.40 0.42 -9.77
CA ALA B 253 31.55 1.33 -9.82
C ALA B 253 31.32 2.57 -10.70
N PRO B 254 30.85 2.40 -11.94
CA PRO B 254 30.67 3.61 -12.76
C PRO B 254 29.69 4.61 -12.15
N GLN B 255 28.64 4.10 -11.53
CA GLN B 255 27.63 4.94 -10.93
C GLN B 255 28.16 5.64 -9.69
N LEU B 256 28.94 4.93 -8.88
CA LEU B 256 29.61 5.54 -7.73
C LEU B 256 30.55 6.67 -8.16
N GLU B 257 31.24 6.47 -9.28
CA GLU B 257 32.14 7.50 -9.79
C GLU B 257 31.36 8.76 -10.13
N ALA B 258 30.18 8.59 -10.73
CA ALA B 258 29.31 9.72 -11.06
C ALA B 258 28.86 10.42 -9.79
N VAL B 259 28.47 9.61 -8.81
CA VAL B 259 28.12 10.14 -7.50
C VAL B 259 29.27 10.92 -6.88
N THR B 260 30.50 10.38 -6.93
CA THR B 260 31.61 11.06 -6.26
C THR B 260 31.88 12.44 -6.88
N GLU B 261 31.85 12.50 -8.20
CA GLU B 261 32.08 13.74 -8.91
C GLU B 261 30.96 14.76 -8.69
N PHE B 262 29.72 14.29 -8.69
CA PHE B 262 28.62 15.19 -8.37
C PHE B 262 28.83 15.78 -6.98
N ALA B 263 29.16 14.91 -6.02
CA ALA B 263 29.34 15.33 -4.63
C ALA B 263 30.41 16.39 -4.53
N ARG B 264 31.51 16.16 -5.23
CA ARG B 264 32.62 17.09 -5.19
C ARG B 264 32.22 18.46 -5.73
N ARG B 265 31.43 18.48 -6.81
CA ARG B 265 31.04 19.76 -7.40
C ARG B 265 30.02 20.52 -6.57
N VAL B 266 29.12 19.83 -5.87
CA VAL B 266 28.07 20.57 -5.14
C VAL B 266 28.19 20.56 -3.62
N GLY B 267 28.96 19.61 -3.10
CA GLY B 267 29.15 19.48 -1.66
C GLY B 267 29.29 20.78 -0.87
N PRO B 268 30.34 21.56 -1.15
CA PRO B 268 30.65 22.80 -0.44
C PRO B 268 29.53 23.82 -0.39
N THR B 269 28.48 23.64 -1.20
CA THR B 269 27.40 24.62 -1.25
C THR B 269 26.08 23.94 -0.98
N THR B 270 26.16 22.77 -0.36
CA THR B 270 24.97 22.01 -0.05
C THR B 270 24.92 21.73 1.45
N GLY B 271 25.70 20.74 1.91
CA GLY B 271 25.76 20.42 3.33
C GLY B 271 26.53 19.17 3.69
N PHE B 272 27.45 18.77 2.82
CA PHE B 272 28.31 17.62 3.06
C PHE B 272 29.69 17.86 2.45
N PRO B 273 30.70 17.11 2.92
CA PRO B 273 32.05 17.25 2.34
C PRO B 273 32.13 16.74 0.91
N ALA B 274 32.96 17.39 0.09
CA ALA B 274 33.13 17.04 -1.32
C ALA B 274 33.53 15.58 -1.51
N ASP B 275 34.22 15.02 -0.52
CA ASP B 275 34.58 13.62 -0.57
C ASP B 275 33.94 12.83 0.56
N VAL B 276 32.69 13.19 0.88
CA VAL B 276 31.84 12.42 1.79
C VAL B 276 31.88 10.92 1.46
N LYS B 277 31.82 10.09 2.49
CA LYS B 277 32.00 8.66 2.30
C LYS B 277 30.65 7.98 2.06
N VAL B 278 30.52 7.20 0.98
CA VAL B 278 29.33 6.39 0.79
C VAL B 278 29.53 4.95 1.32
N GLU B 279 28.95 4.64 2.48
CA GLU B 279 29.04 3.29 3.03
C GLU B 279 28.03 2.37 2.35
N LEU B 280 28.53 1.26 1.79
CA LEU B 280 27.68 0.27 1.17
C LEU B 280 27.43 -0.92 2.09
N LEU B 281 26.22 -1.46 2.05
CA LEU B 281 25.87 -2.69 2.76
C LEU B 281 26.77 -3.80 2.27
N LYS B 282 27.46 -4.46 3.19
CA LYS B 282 28.39 -5.52 2.86
C LYS B 282 27.73 -6.89 2.83
N PRO B 283 28.06 -7.69 1.81
CA PRO B 283 27.58 -9.07 1.71
C PRO B 283 28.22 -9.95 2.77
N LEU B 284 27.66 -11.13 2.99
CA LEU B 284 28.23 -12.05 3.98
C LEU B 284 29.32 -12.93 3.36
N GLU B 285 30.37 -13.19 4.11
CA GLU B 285 31.40 -14.13 3.71
C GLU B 285 30.99 -15.56 4.10
N HIS B 286 31.60 -16.56 3.47
CA HIS B 286 31.36 -17.94 3.82
C HIS B 286 32.66 -18.74 3.87
C1 ISJ C . -13.96 -9.53 10.29
C2 ISJ C . -15.18 -9.11 11.06
C3 ISJ C . -15.96 -7.89 10.65
C4 ISJ C . -15.59 -7.15 9.38
C5 ISJ C . -14.52 -7.71 8.50
C6 ISJ C . -13.97 -9.09 8.76
C7 ISJ C . -16.89 -7.22 11.63
O8 ISJ C . -17.14 -7.75 12.74
O9 ISJ C . -17.41 -6.12 11.32
O10 ISJ C . -12.65 -9.23 8.20
O11 ISJ C . -13.75 -10.96 10.36
C1 GOL D . 0.26 3.83 -9.12
O1 GOL D . 1.57 4.34 -9.28
C2 GOL D . 0.27 2.76 -8.03
O2 GOL D . -0.40 3.23 -6.88
C3 GOL D . -0.42 1.50 -8.52
O3 GOL D . -0.49 0.60 -7.43
C1 GOL E . -23.45 -21.70 28.16
O1 GOL E . -23.54 -20.60 29.04
C2 GOL E . -22.04 -21.82 27.60
O2 GOL E . -22.06 -22.14 26.23
C3 GOL E . -21.33 -20.49 27.76
O3 GOL E . -20.43 -20.52 28.85
C1 GOL F . 0.78 -6.84 6.92
O1 GOL F . -0.52 -7.37 7.12
C2 GOL F . 0.86 -6.32 5.49
O2 GOL F . 1.08 -4.92 5.48
C3 GOL F . 1.97 -7.03 4.73
O3 GOL F . 2.29 -6.30 3.56
C1 GOL G . -10.52 -1.04 -18.41
O1 GOL G . -10.84 -1.56 -19.68
C2 GOL G . -9.02 -1.07 -18.22
O2 GOL G . -8.51 -2.37 -18.49
C3 GOL G . -8.36 -0.07 -19.16
O3 GOL G . -8.50 1.22 -18.61
C1 ISJ H . 13.55 11.28 -9.19
C2 ISJ H . 14.37 12.50 -8.86
C3 ISJ H . 14.76 12.77 -7.42
C4 ISJ H . 14.50 11.75 -6.34
C5 ISJ H . 13.83 10.45 -6.71
C6 ISJ H . 13.78 10.08 -8.16
C7 ISJ H . 15.20 14.16 -7.02
O8 ISJ H . 15.25 14.46 -5.79
O9 ISJ H . 15.49 15.00 -7.91
O10 ISJ H . 12.79 9.05 -8.39
O11 ISJ H . 13.81 10.81 -10.52
C1 GOL I . 21.69 27.50 -24.23
O1 GOL I . 21.13 28.65 -23.64
C2 GOL I . 20.73 26.31 -24.14
O2 GOL I . 19.37 26.74 -24.08
C3 GOL I . 20.96 25.40 -25.34
O3 GOL I . 20.34 24.15 -25.10
#